data_3CL8
#
_entry.id   3CL8
#
_cell.length_a   97.723
_cell.length_b   97.723
_cell.length_c   61.318
_cell.angle_alpha   90.00
_cell.angle_beta   90.00
_cell.angle_gamma   90.00
#
_symmetry.space_group_name_H-M   'P 4'
#
loop_
_entity.id
_entity.type
_entity.pdbx_description
1 polymer 'Puue Allantoinase'
2 non-polymer 5-amino-1H-imidazole-4-carboxamide
3 water water
#
_entity_poly.entity_id   1
_entity_poly.type   'polypeptide(L)'
_entity_poly.pdbx_seq_one_letter_code
;MSVDYPRDLIGYGSNPPHPHWPGKARIALSFVLNYEEGGERNILHGDKESEAFLSEMVSAQPLQGERNMSMESLYEYGSR
AGVWRILKLFKAFDIPLTIFAVAMAAQRHPDVIRAMVAAGHEICSHGYRWIDYQYMDEAQEREHMLEAIRILTELTGERP
LGWYTGRTGPNTRRLVMEEGGFLYDCDTYDDDLPYWEPNNPTGKPHLVIPYTLDTNDMRFTQVQGFNKGDDFFEYLKDAF
DVLYAEGAEAPKMLSIGLHCRLIGRPARLAALQRFIEYAKSHEQVWFTRRVDIARHWHATHPYTGAAK
;
_entity_poly.pdbx_strand_id   A,B
#
loop_
_chem_comp.id
_chem_comp.type
_chem_comp.name
_chem_comp.formula
5AC non-polymer 5-amino-1H-imidazole-4-carboxamide 'C4 H6 N4 O'
#
# COMPACT_ATOMS: atom_id res chain seq x y z
N VAL A 3 -13.92 -7.36 43.74
CA VAL A 3 -14.12 -6.05 43.04
C VAL A 3 -13.31 -5.96 41.74
N ASP A 4 -14.03 -5.95 40.61
CA ASP A 4 -13.41 -5.84 39.29
C ASP A 4 -14.30 -5.17 38.24
N TYR A 5 -13.86 -3.98 37.78
CA TYR A 5 -14.54 -3.26 36.70
C TYR A 5 -14.06 -3.71 35.31
N PRO A 6 -14.95 -4.39 34.59
CA PRO A 6 -14.65 -4.82 33.23
C PRO A 6 -14.70 -3.70 32.16
N ARG A 7 -14.46 -2.44 32.53
CA ARG A 7 -14.42 -1.34 31.58
C ARG A 7 -13.23 -0.38 31.82
N ASP A 8 -12.48 -0.11 30.76
CA ASP A 8 -11.38 0.83 30.86
C ASP A 8 -11.91 2.23 30.53
N LEU A 9 -12.31 3.01 31.54
CA LEU A 9 -12.85 4.33 31.26
C LEU A 9 -11.77 5.36 30.98
N ILE A 10 -10.51 5.00 31.15
CA ILE A 10 -9.46 6.00 31.06
C ILE A 10 -8.60 5.92 29.84
N GLY A 11 -8.23 4.70 29.42
CA GLY A 11 -7.36 4.48 28.25
C GLY A 11 -6.05 5.22 28.36
N TYR A 12 -5.77 6.08 27.37
CA TYR A 12 -4.48 6.78 27.29
C TYR A 12 -4.53 7.99 28.16
N GLY A 13 -5.74 8.33 28.61
CA GLY A 13 -5.90 9.58 29.36
C GLY A 13 -5.37 10.80 28.61
N SER A 14 -4.64 11.63 29.31
CA SER A 14 -4.16 12.90 28.77
C SER A 14 -2.98 12.68 27.81
N ASN A 15 -2.64 11.45 27.57
CA ASN A 15 -1.44 11.13 26.85
C ASN A 15 -1.63 10.10 25.74
N PRO A 16 -2.42 10.43 24.74
CA PRO A 16 -2.48 9.56 23.55
C PRO A 16 -1.14 9.46 22.80
N PRO A 17 -0.76 8.26 22.41
CA PRO A 17 0.48 8.04 21.65
C PRO A 17 0.46 8.73 20.29
N HIS A 18 1.63 9.15 19.82
CA HIS A 18 1.68 9.76 18.50
C HIS A 18 1.86 8.60 17.48
N PRO A 19 1.07 8.61 16.39
CA PRO A 19 1.04 7.44 15.51
C PRO A 19 2.10 7.45 14.42
N HIS A 20 2.63 8.63 14.07
CA HIS A 20 3.64 8.77 13.03
C HIS A 20 3.13 8.14 11.74
N TRP A 21 1.98 8.65 11.26
CA TRP A 21 1.29 8.05 10.11
C TRP A 21 2.25 8.13 8.94
N PRO A 22 2.25 7.11 8.10
CA PRO A 22 3.14 7.16 6.94
C PRO A 22 2.89 8.44 6.14
N GLY A 23 3.95 9.08 5.67
CA GLY A 23 3.86 10.34 4.92
C GLY A 23 3.86 11.57 5.79
N LYS A 24 3.86 11.37 7.10
CA LYS A 24 3.78 12.48 8.05
C LYS A 24 2.42 13.15 8.00
N ALA A 25 1.39 12.37 7.72
CA ALA A 25 0.03 12.91 7.66
C ALA A 25 -0.45 13.39 9.04
N ARG A 26 -1.20 14.48 9.04
CA ARG A 26 -1.72 15.08 10.27
C ARG A 26 -3.03 14.43 10.68
N ILE A 27 -3.55 13.59 9.77
CA ILE A 27 -4.73 12.75 9.99
C ILE A 27 -4.62 11.46 9.20
N ALA A 28 -5.18 10.39 9.76
CA ALA A 28 -5.36 9.13 9.03
C ALA A 28 -6.85 8.80 8.85
N LEU A 29 -7.30 8.71 7.59
CA LEU A 29 -8.69 8.45 7.24
C LEU A 29 -9.03 7.00 6.86
N SER A 30 -9.93 6.40 7.65
CA SER A 30 -10.41 5.08 7.31
C SER A 30 -11.78 5.10 6.66
N PHE A 31 -11.86 4.94 5.33
CA PHE A 31 -13.14 4.77 4.66
C PHE A 31 -13.62 3.33 4.69
N VAL A 32 -14.81 3.12 5.27
CA VAL A 32 -15.34 1.78 5.36
C VAL A 32 -16.66 1.63 4.61
N LEU A 33 -16.75 0.67 3.70
CA LEU A 33 -17.97 0.26 3.02
C LEU A 33 -18.43 -1.13 3.51
N ASN A 34 -19.53 -1.13 4.24
CA ASN A 34 -20.16 -2.39 4.65
C ASN A 34 -20.80 -3.11 3.45
N TYR A 35 -20.99 -4.42 3.61
CA TYR A 35 -21.79 -5.24 2.70
C TYR A 35 -22.60 -6.21 3.54
N GLU A 36 -23.88 -5.91 3.72
CA GLU A 36 -24.75 -6.65 4.61
C GLU A 36 -25.98 -7.08 3.83
N GLU A 37 -26.12 -6.49 2.65
CA GLU A 37 -27.29 -6.77 1.82
C GLU A 37 -27.26 -8.25 1.41
N GLY A 38 -28.34 -8.95 1.77
CA GLY A 38 -28.37 -10.41 1.54
C GLY A 38 -28.07 -11.17 2.81
N GLY A 39 -27.31 -10.52 3.69
CA GLY A 39 -26.97 -11.10 4.97
C GLY A 39 -27.92 -10.80 6.09
N GLU A 40 -28.81 -9.82 5.89
CA GLU A 40 -29.73 -9.27 6.90
C GLU A 40 -30.78 -10.23 7.38
N ARG A 41 -31.57 -9.83 8.38
CA ARG A 41 -32.64 -10.68 8.87
C ARG A 41 -33.71 -11.02 7.82
N ASN A 42 -34.17 -12.27 7.87
CA ASN A 42 -35.12 -12.83 6.90
C ASN A 42 -35.45 -14.29 7.23
N ILE A 43 -36.74 -14.62 7.24
CA ILE A 43 -37.19 -15.98 7.52
C ILE A 43 -36.57 -17.01 6.55
N LEU A 44 -36.18 -16.55 5.36
CA LEU A 44 -35.51 -17.38 4.35
C LEU A 44 -34.11 -17.83 4.85
N HIS A 45 -33.54 -17.01 5.71
CA HIS A 45 -32.26 -17.24 6.35
C HIS A 45 -32.40 -18.03 7.66
N GLY A 46 -33.65 -18.29 8.03
CA GLY A 46 -33.98 -18.97 9.28
C GLY A 46 -34.56 -18.00 10.30
N ASP A 47 -34.48 -16.71 10.00
CA ASP A 47 -34.88 -15.69 10.97
C ASP A 47 -36.37 -15.80 11.23
N LYS A 48 -36.79 -15.47 12.46
CA LYS A 48 -38.20 -15.53 12.85
C LYS A 48 -38.94 -14.24 12.48
N GLU A 49 -38.21 -13.32 11.85
CA GLU A 49 -38.79 -12.04 11.50
C GLU A 49 -37.95 -11.36 10.44
N SER A 50 -38.60 -10.42 9.77
CA SER A 50 -38.00 -9.58 8.73
C SER A 50 -37.05 -8.52 9.31
N GLU A 51 -36.31 -7.87 8.41
CA GLU A 51 -35.35 -6.80 8.74
C GLU A 51 -36.08 -5.49 9.06
N ALA A 52 -35.47 -4.64 9.88
CA ALA A 52 -36.07 -3.34 10.22
C ALA A 52 -35.01 -2.26 10.37
N PHE A 53 -33.77 -2.66 10.55
CA PHE A 53 -32.64 -1.74 10.75
C PHE A 53 -32.22 -1.14 9.41
N LEU A 54 -31.72 0.09 9.45
CA LEU A 54 -31.16 0.91 8.37
C LEU A 54 -31.69 0.72 6.97
N SER A 55 -32.80 1.37 6.66
CA SER A 55 -33.46 1.40 5.34
C SER A 55 -34.31 2.65 5.31
N GLU A 56 -34.72 3.08 4.13
CA GLU A 56 -35.59 4.24 3.98
C GLU A 56 -36.83 4.16 4.88
N MET A 57 -37.30 2.95 5.14
CA MET A 57 -38.43 2.68 6.01
C MET A 57 -38.04 2.96 7.47
N VAL A 58 -37.74 4.22 7.73
CA VAL A 58 -37.18 4.72 8.97
C VAL A 58 -38.02 4.39 10.21
N SER A 59 -39.26 3.95 10.03
CA SER A 59 -40.10 3.57 11.16
C SER A 59 -40.58 2.11 11.06
N ALA A 60 -39.91 1.32 10.23
CA ALA A 60 -40.23 -0.10 10.08
C ALA A 60 -40.07 -0.90 11.38
N GLN A 61 -40.99 -1.84 11.57
CA GLN A 61 -40.95 -2.80 12.67
C GLN A 61 -40.69 -4.20 12.15
N PRO A 62 -40.13 -5.07 13.00
CA PRO A 62 -39.89 -6.45 12.58
C PRO A 62 -41.21 -7.19 12.52
N LEU A 63 -41.31 -8.14 11.60
CA LEU A 63 -42.54 -8.93 11.49
C LEU A 63 -42.26 -10.41 11.74
N GLN A 64 -42.82 -10.93 12.83
CA GLN A 64 -42.69 -12.34 13.24
C GLN A 64 -43.23 -13.27 12.16
N GLY A 65 -42.39 -14.19 11.74
CA GLY A 65 -42.75 -15.15 10.71
C GLY A 65 -43.43 -14.52 9.51
N GLU A 66 -42.93 -13.37 9.09
CA GLU A 66 -43.42 -12.66 7.93
C GLU A 66 -42.27 -12.24 7.01
N ARG A 67 -42.65 -11.66 5.87
CA ARG A 67 -41.64 -11.21 4.90
C ARG A 67 -41.90 -9.77 4.51
N ASN A 68 -40.97 -8.90 4.86
CA ASN A 68 -41.10 -7.49 4.47
C ASN A 68 -40.58 -7.31 3.06
N MET A 69 -41.50 -7.52 2.11
CA MET A 69 -41.13 -7.36 0.72
C MET A 69 -40.51 -6.00 0.44
N SER A 70 -41.07 -4.95 1.05
CA SER A 70 -40.55 -3.60 0.86
CA SER A 70 -40.54 -3.60 0.87
C SER A 70 -39.11 -3.49 1.40
N MET A 71 -38.93 -3.96 2.63
CA MET A 71 -37.64 -3.92 3.29
C MET A 71 -36.58 -4.56 2.43
N GLU A 72 -36.92 -5.76 1.97
CA GLU A 72 -36.07 -6.52 1.07
C GLU A 72 -35.67 -5.74 -0.17
N SER A 73 -36.64 -5.10 -0.84
CA SER A 73 -36.36 -4.36 -2.07
C SER A 73 -35.31 -3.28 -1.83
N LEU A 74 -35.52 -2.49 -0.79
CA LEU A 74 -34.57 -1.44 -0.40
C LEU A 74 -33.16 -1.98 -0.15
N TYR A 75 -33.02 -3.15 0.50
CA TYR A 75 -31.69 -3.76 0.63
C TYR A 75 -31.14 -4.12 -0.76
N GLU A 76 -32.00 -4.74 -1.57
CA GLU A 76 -31.69 -5.14 -2.93
C GLU A 76 -31.09 -3.99 -3.72
N TYR A 77 -31.46 -2.76 -3.43
CA TYR A 77 -30.82 -1.61 -4.07
C TYR A 77 -29.34 -1.53 -3.76
N GLY A 78 -28.95 -1.98 -2.56
CA GLY A 78 -27.56 -1.87 -2.15
C GLY A 78 -26.62 -2.76 -2.97
N SER A 79 -27.03 -4.01 -3.17
CA SER A 79 -26.29 -5.01 -3.91
C SER A 79 -26.40 -4.82 -5.43
N ARG A 80 -27.58 -4.47 -5.90
CA ARG A 80 -27.93 -4.27 -7.28
C ARG A 80 -27.33 -3.01 -7.92
N ALA A 81 -27.42 -1.89 -7.22
CA ALA A 81 -27.03 -0.60 -7.80
C ALA A 81 -26.07 0.19 -6.93
N GLY A 82 -26.37 0.27 -5.63
CA GLY A 82 -25.61 1.12 -4.75
C GLY A 82 -24.14 0.83 -4.70
N VAL A 83 -23.79 -0.43 -4.46
CA VAL A 83 -22.40 -0.84 -4.31
C VAL A 83 -21.55 -0.48 -5.53
N TRP A 84 -22.09 -0.69 -6.72
CA TRP A 84 -21.31 -0.43 -7.89
C TRP A 84 -20.90 1.01 -7.95
N ARG A 85 -21.88 1.93 -7.91
CA ARG A 85 -21.71 3.36 -7.96
C ARG A 85 -20.68 3.90 -6.99
N ILE A 86 -20.63 3.31 -5.81
CA ILE A 86 -19.67 3.72 -4.77
C ILE A 86 -18.29 3.21 -5.14
N LEU A 87 -18.23 2.00 -5.66
CA LEU A 87 -16.92 1.45 -6.01
C LEU A 87 -16.29 2.34 -7.07
N LYS A 88 -17.07 2.83 -8.01
CA LYS A 88 -16.50 3.80 -8.96
C LYS A 88 -16.02 5.09 -8.28
N LEU A 89 -16.75 5.61 -7.29
CA LEU A 89 -16.38 6.84 -6.64
C LEU A 89 -14.98 6.74 -6.03
N PHE A 90 -14.79 5.68 -5.23
CA PHE A 90 -13.50 5.44 -4.54
C PHE A 90 -12.40 5.09 -5.52
N LYS A 91 -12.68 4.22 -6.48
CA LYS A 91 -11.67 3.90 -7.48
C LYS A 91 -11.30 5.18 -8.26
N ALA A 92 -12.31 6.04 -8.49
CA ALA A 92 -12.19 7.33 -9.16
C ALA A 92 -11.15 8.27 -8.56
N PHE A 93 -10.98 8.20 -7.25
CA PHE A 93 -10.06 9.11 -6.57
C PHE A 93 -8.82 8.37 -6.10
N ASP A 94 -8.74 7.10 -6.46
CA ASP A 94 -7.65 6.23 -6.00
C ASP A 94 -7.56 6.18 -4.48
N ILE A 95 -8.69 6.29 -3.78
CA ILE A 95 -8.54 6.06 -2.36
C ILE A 95 -9.04 4.63 -2.06
N PRO A 96 -8.34 3.92 -1.17
CA PRO A 96 -8.65 2.49 -1.00
C PRO A 96 -9.73 2.22 0.03
N LEU A 97 -10.35 1.04 -0.02
CA LEU A 97 -11.38 0.80 1.01
C LEU A 97 -11.10 -0.42 1.88
N THR A 98 -11.73 -0.41 3.06
CA THR A 98 -11.87 -1.56 3.94
C THR A 98 -13.35 -1.95 3.89
N ILE A 99 -13.59 -3.17 3.48
CA ILE A 99 -14.94 -3.73 3.36
C ILE A 99 -15.30 -4.57 4.57
N PHE A 100 -16.33 -4.15 5.29
CA PHE A 100 -16.94 -4.89 6.38
C PHE A 100 -17.98 -5.83 5.73
N ALA A 101 -17.52 -7.00 5.30
CA ALA A 101 -18.35 -7.92 4.53
C ALA A 101 -18.94 -9.08 5.33
N VAL A 102 -20.27 -9.20 5.29
CA VAL A 102 -20.98 -10.21 6.07
C VAL A 102 -21.09 -11.51 5.25
N ALA A 103 -20.48 -12.56 5.76
CA ALA A 103 -20.37 -13.90 5.18
C ALA A 103 -21.52 -14.30 4.29
N MET A 104 -22.73 -14.20 4.81
CA MET A 104 -23.90 -14.59 4.04
C MET A 104 -24.14 -13.71 2.81
N ALA A 105 -23.80 -12.42 2.89
CA ALA A 105 -23.96 -11.53 1.75
C ALA A 105 -22.93 -11.83 0.66
N ALA A 106 -21.72 -12.13 1.09
CA ALA A 106 -20.62 -12.45 0.21
C ALA A 106 -20.89 -13.69 -0.63
N GLN A 107 -21.54 -14.67 -0.04
CA GLN A 107 -21.90 -15.85 -0.82
C GLN A 107 -22.82 -15.39 -1.94
N ARG A 108 -23.92 -14.79 -1.54
CA ARG A 108 -25.02 -14.27 -2.37
C ARG A 108 -24.60 -13.29 -3.47
N HIS A 109 -23.38 -12.77 -3.39
CA HIS A 109 -22.84 -11.90 -4.44
C HIS A 109 -21.33 -11.96 -4.44
N PRO A 110 -20.81 -13.13 -4.83
CA PRO A 110 -19.37 -13.43 -4.81
C PRO A 110 -18.63 -12.62 -5.87
N ASP A 111 -19.34 -12.37 -6.97
CA ASP A 111 -18.75 -11.59 -8.06
C ASP A 111 -18.33 -10.24 -7.55
N VAL A 112 -19.19 -9.57 -6.80
CA VAL A 112 -18.90 -8.21 -6.37
C VAL A 112 -17.82 -8.19 -5.32
N ILE A 113 -17.75 -9.22 -4.48
CA ILE A 113 -16.66 -9.43 -3.52
C ILE A 113 -15.31 -9.61 -4.21
N ARG A 114 -15.27 -10.49 -5.17
CA ARG A 114 -14.07 -10.71 -5.95
C ARG A 114 -13.73 -9.48 -6.75
N ALA A 115 -14.74 -8.71 -7.12
CA ALA A 115 -14.51 -7.44 -7.83
C ALA A 115 -13.84 -6.40 -6.95
N MET A 116 -14.17 -6.45 -5.66
CA MET A 116 -13.58 -5.56 -4.66
C MET A 116 -12.12 -5.96 -4.44
N VAL A 117 -11.94 -7.25 -4.15
CA VAL A 117 -10.64 -7.88 -3.90
C VAL A 117 -9.65 -7.54 -4.98
N ALA A 118 -10.12 -7.51 -6.24
CA ALA A 118 -9.29 -7.16 -7.39
C ALA A 118 -8.94 -5.67 -7.48
N ALA A 119 -9.81 -4.82 -6.92
CA ALA A 119 -9.56 -3.37 -6.85
C ALA A 119 -8.50 -3.09 -5.80
N GLY A 120 -8.25 -4.07 -4.92
CA GLY A 120 -7.21 -3.97 -3.92
C GLY A 120 -7.70 -3.59 -2.54
N HIS A 121 -9.01 -3.39 -2.45
CA HIS A 121 -9.68 -3.12 -1.19
C HIS A 121 -9.49 -4.29 -0.25
N GLU A 122 -9.36 -3.98 1.01
CA GLU A 122 -9.28 -5.03 2.04
C GLU A 122 -10.66 -5.49 2.46
N ILE A 123 -10.81 -6.80 2.62
CA ILE A 123 -12.07 -7.40 2.96
C ILE A 123 -12.02 -7.79 4.44
N CYS A 124 -12.63 -6.98 5.31
CA CYS A 124 -12.65 -7.34 6.73
C CYS A 124 -13.93 -8.13 7.02
N SER A 125 -13.88 -9.03 8.01
CA SER A 125 -15.10 -9.76 8.37
C SER A 125 -16.11 -8.93 9.13
N HIS A 126 -17.39 -9.00 8.72
CA HIS A 126 -18.47 -8.30 9.40
C HIS A 126 -19.42 -9.29 10.07
N GLY A 127 -18.93 -10.52 10.20
CA GLY A 127 -19.69 -11.58 10.88
C GLY A 127 -20.31 -12.50 9.85
N TYR A 128 -20.97 -13.56 10.33
CA TYR A 128 -21.57 -14.56 9.44
C TYR A 128 -22.89 -14.06 8.84
N ARG A 129 -23.64 -13.37 9.67
CA ARG A 129 -24.93 -12.79 9.35
C ARG A 129 -25.09 -11.40 9.99
N TRP A 130 -25.73 -10.48 9.29
CA TRP A 130 -26.00 -9.17 9.84
C TRP A 130 -27.17 -9.16 10.79
N ILE A 131 -26.87 -9.40 12.05
CA ILE A 131 -27.85 -9.41 13.12
C ILE A 131 -27.19 -8.99 14.44
N ASP A 132 -28.03 -9.01 15.46
CA ASP A 132 -27.78 -8.66 16.86
C ASP A 132 -27.36 -9.91 17.64
N TYR A 133 -26.07 -9.96 17.99
CA TYR A 133 -25.50 -11.10 18.69
C TYR A 133 -25.72 -11.02 20.21
N GLN A 134 -26.05 -9.84 20.71
CA GLN A 134 -26.22 -9.51 22.12
C GLN A 134 -26.78 -10.64 22.97
N TYR A 135 -27.74 -11.38 22.44
CA TYR A 135 -28.41 -12.44 23.16
C TYR A 135 -27.93 -13.85 22.78
N MET A 136 -27.16 -13.99 21.70
CA MET A 136 -26.77 -15.34 21.24
C MET A 136 -25.99 -16.12 22.30
N ASP A 137 -26.22 -17.42 22.29
CA ASP A 137 -25.54 -18.37 23.18
C ASP A 137 -24.10 -18.46 22.75
N GLU A 138 -23.20 -18.58 23.71
CA GLU A 138 -21.76 -18.59 23.43
C GLU A 138 -21.39 -19.65 22.40
N ALA A 139 -21.92 -20.85 22.59
CA ALA A 139 -21.70 -21.96 21.69
C ALA A 139 -22.05 -21.63 20.24
N GLN A 140 -23.32 -21.34 19.95
CA GLN A 140 -23.76 -21.09 18.57
C GLN A 140 -23.16 -19.82 17.95
N GLU A 141 -22.57 -18.95 18.78
CA GLU A 141 -22.00 -17.68 18.31
C GLU A 141 -20.56 -17.85 17.88
N ARG A 142 -19.86 -18.74 18.60
CA ARG A 142 -18.46 -19.09 18.31
C ARG A 142 -18.25 -19.73 16.96
N GLU A 143 -19.23 -20.52 16.48
CA GLU A 143 -19.00 -21.10 15.16
C GLU A 143 -19.68 -20.34 14.04
N HIS A 144 -20.43 -19.31 14.41
CA HIS A 144 -20.77 -18.29 13.40
C HIS A 144 -19.50 -17.61 12.90
N MET A 145 -18.64 -17.27 13.85
CA MET A 145 -17.36 -16.63 13.57
C MET A 145 -16.40 -17.44 12.71
N LEU A 146 -16.14 -18.68 13.13
CA LEU A 146 -15.32 -19.62 12.36
C LEU A 146 -15.99 -19.95 11.05
N GLU A 147 -17.32 -20.09 11.08
CA GLU A 147 -18.05 -20.26 9.83
C GLU A 147 -17.88 -19.06 8.91
N ALA A 148 -17.85 -17.86 9.52
CA ALA A 148 -17.65 -16.63 8.76
C ALA A 148 -16.23 -16.53 8.27
N ILE A 149 -15.31 -16.91 9.16
CA ILE A 149 -13.86 -17.02 8.89
C ILE A 149 -13.55 -17.96 7.73
N ARG A 150 -14.36 -19.00 7.55
CA ARG A 150 -14.10 -19.96 6.49
C ARG A 150 -14.59 -19.41 5.15
N ILE A 151 -15.83 -18.94 5.14
CA ILE A 151 -16.42 -18.38 3.93
C ILE A 151 -15.57 -17.29 3.26
N LEU A 152 -15.07 -16.32 4.03
CA LEU A 152 -14.35 -15.23 3.36
C LEU A 152 -12.95 -15.68 2.90
N THR A 153 -12.35 -16.62 3.61
CA THR A 153 -11.05 -17.09 3.14
C THR A 153 -11.20 -17.72 1.76
N GLU A 154 -12.22 -18.58 1.63
CA GLU A 154 -12.54 -19.26 0.39
C GLU A 154 -13.18 -18.31 -0.62
N LEU A 155 -13.72 -17.21 -0.12
CA LEU A 155 -14.33 -16.24 -1.01
C LEU A 155 -13.24 -15.30 -1.52
N THR A 156 -12.19 -15.12 -0.74
CA THR A 156 -11.22 -14.09 -1.06
C THR A 156 -9.85 -14.60 -1.44
N GLY A 157 -9.42 -15.70 -0.82
CA GLY A 157 -8.08 -16.20 -1.15
C GLY A 157 -7.19 -16.16 0.08
N GLU A 158 -7.50 -15.27 0.99
CA GLU A 158 -6.88 -15.09 2.29
C GLU A 158 -7.91 -14.92 3.40
N ARG A 159 -7.63 -15.37 4.57
CA ARG A 159 -8.55 -15.24 5.71
C ARG A 159 -8.64 -13.79 6.14
N PRO A 160 -9.72 -13.46 6.84
CA PRO A 160 -9.85 -12.15 7.47
C PRO A 160 -9.05 -11.99 8.78
N LEU A 161 -8.15 -11.02 8.77
CA LEU A 161 -7.36 -10.71 9.97
C LEU A 161 -7.97 -9.56 10.77
N GLY A 162 -9.23 -9.23 10.45
CA GLY A 162 -9.97 -8.19 11.16
C GLY A 162 -11.39 -8.62 11.38
N TRP A 163 -12.02 -8.10 12.43
CA TRP A 163 -13.44 -8.39 12.62
C TRP A 163 -14.19 -7.15 13.10
N TYR A 164 -15.48 -7.17 12.81
CA TYR A 164 -16.42 -6.21 13.35
C TYR A 164 -17.82 -6.80 13.29
N THR A 165 -18.40 -7.07 14.44
CA THR A 165 -19.79 -7.53 14.45
C THR A 165 -20.79 -6.35 14.34
N GLY A 166 -20.49 -5.30 15.08
CA GLY A 166 -21.46 -4.19 15.18
C GLY A 166 -22.40 -4.41 16.34
N ARG A 167 -23.46 -5.17 16.10
CA ARG A 167 -24.43 -5.51 17.13
C ARG A 167 -23.89 -6.56 18.09
N THR A 168 -22.79 -6.22 18.78
CA THR A 168 -22.10 -7.17 19.63
C THR A 168 -22.88 -7.60 20.87
N GLY A 169 -22.64 -8.85 21.24
CA GLY A 169 -22.98 -9.37 22.56
C GLY A 169 -21.65 -9.43 23.31
N PRO A 170 -21.70 -9.47 24.63
CA PRO A 170 -20.52 -9.50 25.49
C PRO A 170 -19.40 -10.49 25.07
N ASN A 171 -19.82 -11.73 24.79
CA ASN A 171 -18.89 -12.80 24.47
C ASN A 171 -18.10 -12.49 23.21
N THR A 172 -18.71 -11.69 22.34
CA THR A 172 -18.23 -11.40 21.00
C THR A 172 -16.74 -11.02 20.95
N ARG A 173 -16.35 -9.90 21.57
CA ARG A 173 -14.97 -9.40 21.42
C ARG A 173 -13.99 -10.35 22.06
N ARG A 174 -14.45 -11.10 23.06
CA ARG A 174 -13.61 -12.11 23.67
C ARG A 174 -13.23 -13.19 22.65
N LEU A 175 -14.25 -13.84 22.08
CA LEU A 175 -14.14 -14.91 21.10
C LEU A 175 -13.30 -14.50 19.91
N VAL A 176 -13.51 -13.28 19.44
CA VAL A 176 -12.61 -12.72 18.43
C VAL A 176 -11.12 -12.91 18.81
N MET A 177 -10.76 -12.49 20.02
CA MET A 177 -9.41 -12.59 20.56
C MET A 177 -9.00 -14.03 20.87
N GLU A 178 -9.96 -14.83 21.33
CA GLU A 178 -9.70 -16.24 21.63
C GLU A 178 -9.51 -17.00 20.33
N GLU A 179 -10.21 -16.56 19.29
CA GLU A 179 -10.12 -17.13 17.95
C GLU A 179 -8.68 -17.44 17.60
N GLY A 180 -7.86 -16.41 17.39
CA GLY A 180 -6.48 -16.62 17.03
C GLY A 180 -5.87 -15.77 15.93
N GLY A 181 -6.39 -15.87 14.71
CA GLY A 181 -5.71 -15.33 13.56
C GLY A 181 -6.03 -13.91 13.15
N PHE A 182 -6.74 -13.18 14.01
CA PHE A 182 -7.08 -11.78 13.73
C PHE A 182 -6.00 -10.80 14.16
N LEU A 183 -5.71 -9.78 13.37
CA LEU A 183 -4.71 -8.84 13.83
C LEU A 183 -5.38 -7.75 14.65
N TYR A 184 -6.60 -7.36 14.25
CA TYR A 184 -7.39 -6.38 15.03
C TYR A 184 -8.86 -6.74 15.13
N ASP A 185 -9.61 -5.89 15.85
CA ASP A 185 -11.06 -5.82 15.72
C ASP A 185 -11.45 -4.33 15.71
N CYS A 186 -12.72 -4.07 15.43
CA CYS A 186 -13.28 -2.74 15.41
C CYS A 186 -14.57 -2.62 16.24
N ASP A 187 -14.80 -3.54 17.16
CA ASP A 187 -16.07 -3.49 17.91
C ASP A 187 -16.01 -2.55 19.11
N THR A 188 -15.38 -1.41 18.87
CA THR A 188 -15.29 -0.31 19.82
C THR A 188 -15.54 1.00 19.07
N TYR A 189 -16.07 1.97 19.78
CA TYR A 189 -16.24 3.36 19.37
C TYR A 189 -15.73 4.27 20.49
N ASP A 190 -14.63 3.84 21.10
CA ASP A 190 -14.15 4.39 22.36
C ASP A 190 -12.87 5.20 22.25
N ASP A 191 -12.36 5.43 21.04
CA ASP A 191 -11.17 6.27 20.99
C ASP A 191 -10.98 6.87 19.62
N ASP A 192 -10.07 7.84 19.56
CA ASP A 192 -9.65 8.51 18.33
C ASP A 192 -8.34 7.96 17.82
N LEU A 193 -7.92 6.82 18.38
CA LEU A 193 -6.70 6.13 17.98
C LEU A 193 -6.81 4.69 18.34
N PRO A 194 -6.06 3.86 17.59
CA PRO A 194 -5.84 2.43 17.86
C PRO A 194 -5.09 2.16 19.17
N TYR A 195 -5.40 1.04 19.82
CA TYR A 195 -4.71 0.69 21.06
C TYR A 195 -4.75 -0.83 21.22
N TRP A 196 -3.78 -1.43 21.88
CA TRP A 196 -3.83 -2.85 22.12
C TRP A 196 -4.86 -3.21 23.19
N GLU A 197 -5.68 -4.21 22.88
CA GLU A 197 -6.67 -4.69 23.83
C GLU A 197 -6.00 -5.03 25.16
N PRO A 198 -6.44 -4.34 26.22
CA PRO A 198 -5.86 -4.49 27.56
C PRO A 198 -6.26 -5.81 28.25
N ASN A 199 -7.40 -6.39 27.87
CA ASN A 199 -7.85 -7.63 28.51
C ASN A 199 -7.88 -8.83 27.60
N ASN A 200 -6.76 -9.09 26.92
CA ASN A 200 -6.72 -10.27 26.09
C ASN A 200 -6.28 -11.51 26.87
N PRO A 201 -7.24 -12.41 27.11
CA PRO A 201 -6.91 -13.67 27.79
C PRO A 201 -5.79 -14.41 27.06
N THR A 202 -5.92 -14.50 25.74
CA THR A 202 -4.98 -15.12 24.81
C THR A 202 -3.52 -14.68 24.98
N GLY A 203 -3.27 -13.58 25.67
CA GLY A 203 -1.93 -13.10 25.85
C GLY A 203 -1.41 -12.45 24.59
N LYS A 204 -1.60 -13.11 23.45
CA LYS A 204 -1.11 -12.55 22.18
C LYS A 204 -1.63 -11.13 21.96
N PRO A 205 -0.76 -10.25 21.43
CA PRO A 205 -1.17 -8.87 21.14
C PRO A 205 -2.48 -8.85 20.36
N HIS A 206 -3.40 -7.97 20.78
CA HIS A 206 -4.63 -7.75 20.02
C HIS A 206 -4.88 -6.27 19.76
N LEU A 207 -4.98 -5.90 18.49
CA LEU A 207 -5.13 -4.48 18.17
C LEU A 207 -6.60 -4.09 18.06
N VAL A 208 -6.95 -2.99 18.73
CA VAL A 208 -8.26 -2.36 18.67
C VAL A 208 -8.30 -1.12 17.79
N ILE A 209 -9.19 -1.12 16.80
CA ILE A 209 -9.32 0.06 15.94
C ILE A 209 -10.76 0.57 16.01
N PRO A 210 -11.05 1.44 17.00
CA PRO A 210 -12.41 1.89 17.17
C PRO A 210 -13.08 2.42 15.89
N TYR A 211 -14.34 2.01 15.73
CA TYR A 211 -15.16 2.39 14.57
C TYR A 211 -16.09 3.52 14.99
N THR A 212 -17.09 3.85 14.20
CA THR A 212 -17.92 5.03 14.46
C THR A 212 -19.40 4.77 14.21
N LEU A 213 -20.26 5.35 15.05
CA LEU A 213 -21.70 5.38 14.84
C LEU A 213 -22.16 6.83 14.67
N ASP A 214 -21.23 7.76 14.53
CA ASP A 214 -21.63 9.16 14.29
C ASP A 214 -21.16 9.61 12.88
N THR A 215 -19.89 9.39 12.52
CA THR A 215 -19.45 9.68 11.14
C THR A 215 -19.71 8.44 10.25
N ASN A 216 -20.95 7.98 10.37
CA ASN A 216 -21.57 6.81 9.75
C ASN A 216 -22.78 7.24 8.94
N ASP A 217 -22.89 6.78 7.69
CA ASP A 217 -24.00 7.15 6.85
C ASP A 217 -25.32 6.55 7.34
N MET A 218 -25.25 5.63 8.29
CA MET A 218 -26.44 5.04 8.94
C MET A 218 -27.38 6.08 9.52
N ARG A 219 -26.85 7.24 9.90
CA ARG A 219 -27.65 8.30 10.50
C ARG A 219 -28.68 8.88 9.53
N PHE A 220 -28.54 8.62 8.23
CA PHE A 220 -29.51 9.11 7.25
C PHE A 220 -30.85 8.38 7.39
N THR A 221 -30.90 7.32 8.21
CA THR A 221 -32.13 6.52 8.35
C THR A 221 -32.51 6.33 9.83
N GLN A 222 -31.86 7.08 10.71
CA GLN A 222 -32.17 6.94 12.14
C GLN A 222 -33.00 8.14 12.60
N VAL A 223 -33.52 8.13 13.84
CA VAL A 223 -34.36 9.27 14.21
C VAL A 223 -33.47 10.48 14.21
N GLN A 224 -32.31 10.36 14.84
CA GLN A 224 -31.38 11.49 14.76
C GLN A 224 -30.46 11.26 13.58
N GLY A 225 -30.49 12.19 12.64
CA GLY A 225 -29.67 12.06 11.44
C GLY A 225 -30.05 12.98 10.30
N PHE A 226 -28.99 13.33 9.56
CA PHE A 226 -28.96 14.14 8.36
C PHE A 226 -30.26 14.14 7.56
N ASN A 227 -30.75 15.34 7.22
CA ASN A 227 -31.89 15.46 6.30
C ASN A 227 -31.41 15.51 4.83
N LYS A 228 -30.41 16.35 4.57
CA LYS A 228 -29.83 16.50 3.27
C LYS A 228 -28.41 15.99 3.29
N GLY A 229 -27.83 15.81 2.09
CA GLY A 229 -26.46 15.35 1.98
C GLY A 229 -25.49 16.15 2.80
N ASP A 230 -25.55 17.46 2.61
CA ASP A 230 -24.77 18.47 3.29
C ASP A 230 -24.70 18.30 4.82
N ASP A 231 -25.68 17.65 5.43
CA ASP A 231 -25.59 17.41 6.88
C ASP A 231 -24.50 16.39 7.18
N PHE A 232 -24.39 15.39 6.31
CA PHE A 232 -23.37 14.40 6.44
C PHE A 232 -22.00 15.04 6.19
N PHE A 233 -21.94 15.79 5.13
CA PHE A 233 -20.71 16.43 4.66
C PHE A 233 -20.18 17.45 5.65
N GLU A 234 -21.05 18.32 6.15
CA GLU A 234 -20.63 19.35 7.08
C GLU A 234 -20.06 18.69 8.33
N TYR A 235 -20.73 17.62 8.74
CA TYR A 235 -20.33 16.77 9.86
C TYR A 235 -18.95 16.17 9.60
N LEU A 236 -18.73 15.67 8.39
CA LEU A 236 -17.42 15.11 8.08
C LEU A 236 -16.34 16.16 8.01
N LYS A 237 -16.69 17.33 7.49
CA LYS A 237 -15.71 18.40 7.41
C LYS A 237 -15.29 18.83 8.82
N ASP A 238 -16.30 19.00 9.68
CA ASP A 238 -16.07 19.37 11.06
C ASP A 238 -15.13 18.41 11.72
N ALA A 239 -15.54 17.15 11.75
CA ALA A 239 -14.74 16.06 12.34
C ALA A 239 -13.39 15.85 11.67
N PHE A 240 -13.21 16.37 10.46
CA PHE A 240 -11.93 16.41 9.79
C PHE A 240 -11.10 17.60 10.29
N ASP A 241 -11.70 18.79 10.19
CA ASP A 241 -11.04 20.06 10.51
C ASP A 241 -10.37 20.05 11.89
N VAL A 242 -11.11 19.55 12.88
CA VAL A 242 -10.70 19.47 14.28
C VAL A 242 -9.60 18.46 14.49
N LEU A 243 -9.59 17.37 13.71
CA LEU A 243 -8.53 16.39 13.87
C LEU A 243 -7.24 16.81 13.17
N TYR A 244 -7.38 17.27 11.93
CA TYR A 244 -6.30 17.88 11.17
C TYR A 244 -5.65 18.98 11.99
N ALA A 245 -6.46 19.91 12.52
CA ALA A 245 -5.88 20.99 13.35
C ALA A 245 -5.05 20.40 14.53
N GLU A 246 -5.56 19.33 15.15
CA GLU A 246 -4.85 18.65 16.25
C GLU A 246 -3.61 17.94 15.77
N GLY A 247 -3.70 17.31 14.61
CA GLY A 247 -2.57 16.61 14.04
C GLY A 247 -1.36 17.44 13.72
N ALA A 248 -1.41 18.77 13.91
CA ALA A 248 -0.21 19.57 13.65
C ALA A 248 0.91 19.13 14.59
N GLU A 249 0.50 18.62 15.76
CA GLU A 249 1.48 18.09 16.71
C GLU A 249 1.13 16.65 17.10
N ALA A 250 -0.16 16.34 17.05
CA ALA A 250 -0.62 15.01 17.41
C ALA A 250 -1.71 14.51 16.45
N PRO A 251 -1.26 13.88 15.37
CA PRO A 251 -2.23 13.23 14.45
C PRO A 251 -3.04 12.10 15.08
N LYS A 252 -4.24 11.89 14.54
CA LYS A 252 -5.18 10.87 14.94
C LYS A 252 -5.87 10.32 13.67
N MET A 253 -6.84 9.42 13.86
CA MET A 253 -7.52 8.89 12.66
C MET A 253 -8.96 9.36 12.66
N LEU A 254 -9.70 8.94 11.64
CA LEU A 254 -11.15 9.12 11.54
C LEU A 254 -11.71 8.09 10.57
N SER A 255 -12.64 7.29 11.07
CA SER A 255 -13.48 6.34 10.41
C SER A 255 -14.66 6.98 9.67
N ILE A 256 -15.02 6.41 8.53
CA ILE A 256 -16.22 6.84 7.82
C ILE A 256 -16.98 5.59 7.41
N GLY A 257 -18.16 5.38 7.97
CA GLY A 257 -19.00 4.20 7.73
C GLY A 257 -19.96 4.41 6.56
N LEU A 258 -19.91 3.56 5.54
CA LEU A 258 -20.83 3.66 4.42
C LEU A 258 -21.57 2.35 4.19
N HIS A 259 -22.79 2.46 3.70
CA HIS A 259 -23.63 1.31 3.41
C HIS A 259 -24.13 1.46 1.99
N CYS A 260 -24.04 0.35 1.26
CA CYS A 260 -24.46 0.28 -0.12
C CYS A 260 -25.85 0.83 -0.37
N ARG A 261 -26.80 0.40 0.46
CA ARG A 261 -28.19 0.81 0.29
C ARG A 261 -28.42 2.25 0.69
N LEU A 262 -27.49 2.89 1.42
CA LEU A 262 -27.78 4.26 1.85
C LEU A 262 -26.94 5.26 1.05
N ILE A 263 -25.61 5.28 1.23
CA ILE A 263 -24.84 6.30 0.51
C ILE A 263 -24.86 6.10 -0.99
N GLY A 264 -25.14 4.87 -1.44
CA GLY A 264 -25.14 4.52 -2.87
C GLY A 264 -26.27 5.18 -3.65
N ARG A 265 -27.27 5.68 -2.93
CA ARG A 265 -28.39 6.44 -3.52
C ARG A 265 -27.80 7.76 -4.04
N PRO A 266 -28.08 8.15 -5.28
CA PRO A 266 -27.42 9.33 -5.84
C PRO A 266 -27.55 10.57 -4.98
N ALA A 267 -28.77 10.91 -4.51
CA ALA A 267 -28.99 11.99 -3.54
C ALA A 267 -27.91 12.13 -2.45
N ARG A 268 -27.51 11.02 -1.81
CA ARG A 268 -26.52 11.05 -0.74
C ARG A 268 -25.08 10.84 -1.24
N LEU A 269 -24.88 10.24 -2.41
CA LEU A 269 -23.54 10.07 -2.94
C LEU A 269 -22.86 11.40 -3.14
N ALA A 270 -23.63 12.40 -3.55
CA ALA A 270 -23.12 13.73 -3.82
C ALA A 270 -22.32 14.20 -2.61
N ALA A 271 -22.88 13.99 -1.42
CA ALA A 271 -22.17 14.47 -0.22
C ALA A 271 -20.84 13.74 -0.07
N LEU A 272 -20.86 12.42 -0.07
CA LEU A 272 -19.67 11.58 0.10
C LEU A 272 -18.50 12.01 -0.79
N GLN A 273 -18.80 12.36 -2.04
CA GLN A 273 -17.80 12.84 -2.99
C GLN A 273 -17.32 14.24 -2.59
N ARG A 274 -18.28 15.10 -2.22
CA ARG A 274 -17.97 16.40 -1.66
C ARG A 274 -16.85 16.32 -0.61
N PHE A 275 -17.00 15.45 0.37
CA PHE A 275 -16.02 15.33 1.44
C PHE A 275 -14.67 14.80 0.94
N ILE A 276 -14.71 13.71 0.16
CA ILE A 276 -13.51 13.16 -0.46
C ILE A 276 -12.64 14.25 -1.09
N GLU A 277 -13.29 15.10 -1.91
CA GLU A 277 -12.63 16.21 -2.57
C GLU A 277 -12.04 17.18 -1.55
N TYR A 278 -12.89 17.56 -0.59
CA TYR A 278 -12.46 18.33 0.57
C TYR A 278 -11.17 17.73 1.18
N ALA A 279 -11.27 16.52 1.70
CA ALA A 279 -10.16 15.80 2.30
C ALA A 279 -8.94 15.84 1.36
N LYS A 280 -9.17 15.47 0.08
CA LYS A 280 -8.10 15.43 -0.92
C LYS A 280 -7.40 16.77 -1.11
N SER A 281 -8.09 17.88 -0.82
CA SER A 281 -7.48 19.19 -1.04
C SER A 281 -6.46 19.54 0.03
N HIS A 282 -6.27 18.70 1.02
CA HIS A 282 -5.30 19.00 2.09
C HIS A 282 -4.10 18.07 2.01
N GLU A 283 -2.90 18.64 2.14
CA GLU A 283 -1.73 17.76 2.17
C GLU A 283 -1.60 17.07 3.53
N GLN A 284 -0.79 16.05 3.63
CA GLN A 284 -0.59 15.35 4.87
C GLN A 284 -1.88 14.65 5.33
N VAL A 285 -2.55 14.02 4.36
CA VAL A 285 -3.69 13.15 4.68
C VAL A 285 -3.43 11.73 4.19
N TRP A 286 -3.52 10.77 5.10
CA TRP A 286 -3.29 9.38 4.76
C TRP A 286 -4.59 8.60 4.61
N PHE A 287 -4.99 8.40 3.37
CA PHE A 287 -6.11 7.53 3.06
C PHE A 287 -5.59 6.12 3.15
N THR A 288 -6.29 5.26 3.89
CA THR A 288 -5.75 3.92 4.13
C THR A 288 -6.80 2.87 4.52
N ARG A 289 -6.42 1.61 4.35
CA ARG A 289 -7.20 0.49 4.83
C ARG A 289 -6.86 0.21 6.28
N ARG A 290 -7.80 -0.34 7.04
CA ARG A 290 -7.55 -0.62 8.46
C ARG A 290 -6.42 -1.65 8.69
N VAL A 291 -6.32 -2.68 7.85
CA VAL A 291 -5.26 -3.69 7.97
C VAL A 291 -3.89 -3.02 7.95
N ASP A 292 -3.77 -1.97 7.16
CA ASP A 292 -2.55 -1.18 7.04
C ASP A 292 -2.30 -0.39 8.31
N ILE A 293 -3.38 0.15 8.89
CA ILE A 293 -3.30 0.78 10.19
C ILE A 293 -2.87 -0.22 11.26
N ALA A 294 -3.32 -1.49 11.17
CA ALA A 294 -2.88 -2.51 12.13
C ALA A 294 -1.40 -2.77 11.93
N ARG A 295 -1.02 -3.20 10.73
CA ARG A 295 0.39 -3.41 10.41
C ARG A 295 1.24 -2.17 10.62
N HIS A 296 0.65 -0.98 10.48
CA HIS A 296 1.43 0.22 10.81
C HIS A 296 1.72 0.30 12.30
N TRP A 297 0.72 -0.04 13.09
CA TRP A 297 0.83 0.02 14.53
C TRP A 297 1.86 -0.97 15.08
N HIS A 298 1.75 -2.23 14.67
CA HIS A 298 2.69 -3.31 14.97
C HIS A 298 4.15 -2.88 14.94
N ALA A 299 4.52 -2.23 13.84
CA ALA A 299 5.88 -1.76 13.58
C ALA A 299 6.22 -0.50 14.39
N THR A 300 5.24 0.39 14.45
CA THR A 300 5.38 1.67 15.11
C THR A 300 5.28 1.61 16.65
N HIS A 301 4.33 0.84 17.18
CA HIS A 301 4.07 0.81 18.62
C HIS A 301 3.68 -0.61 19.00
N PRO A 302 4.69 -1.49 18.94
CA PRO A 302 4.57 -2.89 19.29
C PRO A 302 4.14 -3.09 20.73
N TYR A 303 3.18 -3.99 20.90
CA TYR A 303 2.67 -4.44 22.19
C TYR A 303 3.82 -4.82 23.13
N THR A 304 3.69 -4.44 24.39
CA THR A 304 4.74 -4.65 25.40
C THR A 304 4.22 -5.44 26.62
N VAL B 3 50.49 -0.49 -7.22
CA VAL B 3 50.18 0.68 -8.07
C VAL B 3 48.75 1.15 -7.79
N ASP B 4 48.61 2.45 -7.54
CA ASP B 4 47.35 3.03 -7.13
C ASP B 4 46.27 2.79 -8.20
N TYR B 5 45.64 1.63 -8.14
CA TYR B 5 44.56 1.33 -9.08
C TYR B 5 43.26 1.89 -8.49
N PRO B 6 42.69 2.85 -9.22
CA PRO B 6 41.43 3.50 -8.90
C PRO B 6 40.32 2.52 -8.52
N ARG B 7 40.24 1.39 -9.25
CA ARG B 7 39.26 0.33 -8.99
C ARG B 7 39.73 -0.64 -7.92
N ASP B 8 38.76 -1.10 -7.14
CA ASP B 8 38.84 -2.12 -6.10
C ASP B 8 38.35 -3.43 -6.69
N LEU B 9 39.28 -4.32 -7.03
CA LEU B 9 39.00 -5.58 -7.72
C LEU B 9 38.86 -6.70 -6.70
N ILE B 10 38.99 -6.35 -5.44
CA ILE B 10 38.91 -7.31 -4.34
C ILE B 10 37.70 -7.13 -3.43
N GLY B 11 37.40 -5.89 -3.06
CA GLY B 11 36.39 -5.59 -2.08
C GLY B 11 36.57 -6.34 -0.77
N TYR B 12 35.56 -7.10 -0.37
CA TYR B 12 35.58 -7.90 0.85
C TYR B 12 36.33 -9.22 0.63
N GLY B 13 36.82 -9.43 -0.58
CA GLY B 13 37.42 -10.70 -0.97
C GLY B 13 36.60 -11.89 -0.50
N SER B 14 37.32 -12.83 0.10
CA SER B 14 36.78 -14.09 0.62
C SER B 14 35.99 -13.86 1.90
N ASN B 15 36.16 -12.70 2.49
CA ASN B 15 35.62 -12.44 3.79
C ASN B 15 34.56 -11.36 3.82
N PRO B 16 33.36 -11.70 3.36
CA PRO B 16 32.29 -10.71 3.37
C PRO B 16 31.61 -10.67 4.75
N PRO B 17 31.22 -9.45 5.12
CA PRO B 17 30.56 -9.23 6.38
C PRO B 17 29.16 -9.85 6.39
N HIS B 18 28.82 -10.41 7.54
CA HIS B 18 27.48 -10.87 7.85
C HIS B 18 26.61 -9.64 8.10
N PRO B 19 25.64 -9.40 7.19
CA PRO B 19 24.83 -8.20 7.32
C PRO B 19 23.97 -8.28 8.57
N HIS B 20 23.70 -9.48 9.08
CA HIS B 20 22.79 -9.62 10.22
C HIS B 20 21.42 -9.04 9.91
N TRP B 21 20.84 -9.50 8.81
CA TRP B 21 19.59 -8.95 8.27
C TRP B 21 18.54 -9.02 9.37
N PRO B 22 17.66 -8.00 9.39
CA PRO B 22 16.63 -7.95 10.41
C PRO B 22 15.80 -9.22 10.32
N GLY B 23 15.28 -9.70 11.44
CA GLY B 23 14.55 -10.94 11.46
C GLY B 23 15.37 -12.13 11.08
N LYS B 24 16.70 -11.99 11.13
CA LYS B 24 17.59 -13.07 10.74
C LYS B 24 17.27 -13.65 9.35
N ALA B 25 16.92 -12.80 8.40
CA ALA B 25 16.58 -13.30 7.08
C ALA B 25 17.81 -13.90 6.39
N ARG B 26 17.69 -15.10 5.82
CA ARG B 26 18.81 -15.70 5.08
C ARG B 26 19.16 -14.88 3.82
N ILE B 27 18.20 -14.05 3.39
CA ILE B 27 18.36 -13.23 2.19
C ILE B 27 17.60 -11.92 2.34
N ALA B 28 18.10 -10.86 1.72
CA ALA B 28 17.42 -9.59 1.65
C ALA B 28 17.00 -9.29 0.20
N LEU B 29 15.70 -9.10 -0.03
CA LEU B 29 15.10 -8.76 -1.34
C LEU B 29 14.90 -7.25 -1.48
N SER B 30 15.49 -6.65 -2.51
CA SER B 30 15.15 -5.28 -2.91
C SER B 30 14.37 -5.32 -4.22
N PHE B 31 13.04 -5.19 -4.20
CA PHE B 31 12.37 -4.99 -5.52
C PHE B 31 12.48 -3.52 -5.93
N VAL B 32 12.89 -3.24 -7.17
CA VAL B 32 13.06 -1.80 -7.48
C VAL B 32 12.20 -1.34 -8.64
N LEU B 33 11.29 -0.39 -8.39
CA LEU B 33 10.46 0.11 -9.48
C LEU B 33 10.93 1.45 -10.01
N ASN B 34 11.56 1.43 -11.18
CA ASN B 34 12.01 2.65 -11.83
C ASN B 34 10.79 3.46 -12.29
N TYR B 35 11.02 4.73 -12.57
CA TYR B 35 10.05 5.62 -13.20
C TYR B 35 10.79 6.61 -14.06
N GLU B 36 10.82 6.30 -15.35
CA GLU B 36 11.54 7.09 -16.34
C GLU B 36 10.61 7.71 -17.37
N GLU B 37 9.38 7.21 -17.40
CA GLU B 37 8.34 7.59 -18.39
C GLU B 37 7.97 9.08 -18.31
N GLY B 38 8.34 9.80 -19.36
CA GLY B 38 8.21 11.25 -19.37
C GLY B 38 9.54 11.87 -19.01
N GLY B 39 10.51 11.02 -18.67
CA GLY B 39 11.84 11.49 -18.39
C GLY B 39 12.84 11.15 -19.50
N GLU B 40 12.50 10.15 -20.32
CA GLU B 40 13.40 9.64 -21.38
C GLU B 40 13.83 10.67 -22.44
N ARG B 41 14.57 10.16 -23.42
CA ARG B 41 15.15 10.97 -24.47
C ARG B 41 14.05 11.52 -25.38
N ASN B 42 14.14 12.80 -25.71
CA ASN B 42 13.16 13.44 -26.59
C ASN B 42 13.53 14.89 -26.89
N ILE B 43 13.31 15.30 -28.14
CA ILE B 43 13.61 16.66 -28.58
C ILE B 43 12.64 17.66 -27.96
N LEU B 44 11.61 17.16 -27.29
CA LEU B 44 10.72 18.03 -26.54
C LEU B 44 11.36 18.28 -25.19
N HIS B 45 12.01 17.23 -24.69
CA HIS B 45 12.66 17.25 -23.39
C HIS B 45 13.96 18.08 -23.41
N GLY B 46 14.33 18.65 -24.56
CA GLY B 46 15.57 19.42 -24.69
C GLY B 46 16.77 18.57 -25.10
N ASP B 47 16.51 17.38 -25.68
CA ASP B 47 17.52 16.49 -26.25
C ASP B 47 17.63 16.72 -27.76
N LYS B 48 18.54 16.01 -28.41
CA LYS B 48 18.74 16.20 -29.85
C LYS B 48 18.35 14.98 -30.68
N GLU B 49 17.55 14.09 -30.11
CA GLU B 49 17.25 12.84 -30.79
C GLU B 49 16.18 12.03 -30.07
N SER B 50 15.75 10.94 -30.70
CA SER B 50 14.71 10.11 -30.11
C SER B 50 15.26 9.07 -29.14
N GLU B 51 14.41 8.63 -28.23
CA GLU B 51 14.61 7.51 -27.29
C GLU B 51 14.59 6.15 -28.01
N ALA B 52 15.58 5.30 -27.74
CA ALA B 52 15.71 3.98 -28.38
C ALA B 52 15.82 2.85 -27.37
N PHE B 53 16.22 3.20 -26.17
CA PHE B 53 16.52 2.33 -25.06
C PHE B 53 15.27 1.79 -24.39
N LEU B 54 15.30 0.47 -24.12
CA LEU B 54 14.30 -0.29 -23.38
C LEU B 54 12.86 0.07 -23.78
N SER B 55 12.46 -0.52 -24.90
CA SER B 55 11.15 -0.39 -25.52
C SER B 55 10.88 -1.62 -26.39
N GLU B 56 9.63 -1.76 -26.82
CA GLU B 56 9.21 -2.88 -27.69
C GLU B 56 10.01 -2.86 -28.99
N MET B 57 10.39 -1.65 -29.42
CA MET B 57 11.28 -1.51 -30.55
C MET B 57 12.72 -1.86 -30.12
N VAL B 58 12.95 -3.17 -30.16
CA VAL B 58 14.14 -3.83 -29.62
C VAL B 58 15.38 -3.53 -30.46
N SER B 59 15.16 -2.92 -31.62
CA SER B 59 16.21 -2.56 -32.57
C SER B 59 16.09 -1.12 -33.09
N ALA B 60 15.34 -0.30 -32.38
CA ALA B 60 15.22 1.14 -32.62
C ALA B 60 16.57 1.83 -32.56
N GLN B 61 16.64 2.94 -33.26
CA GLN B 61 17.78 3.82 -33.34
C GLN B 61 17.34 5.24 -32.97
N PRO B 62 18.19 5.98 -32.26
CA PRO B 62 17.79 7.35 -31.94
C PRO B 62 17.69 8.19 -33.24
N LEU B 63 16.49 8.69 -33.54
CA LEU B 63 16.26 9.54 -34.71
C LEU B 63 16.72 10.96 -34.42
N GLN B 64 17.50 11.53 -35.32
CA GLN B 64 18.11 12.83 -35.05
C GLN B 64 17.09 13.95 -35.21
N GLY B 65 17.06 14.86 -34.24
CA GLY B 65 16.14 16.00 -34.21
C GLY B 65 14.73 15.67 -34.65
N GLU B 66 14.25 14.47 -34.29
CA GLU B 66 12.90 14.04 -34.68
C GLU B 66 12.17 13.37 -33.54
N ARG B 67 10.85 13.34 -33.64
CA ARG B 67 10.00 12.58 -32.72
C ARG B 67 9.80 11.18 -33.26
N ASN B 68 9.78 10.24 -32.34
CA ASN B 68 9.47 8.88 -32.68
C ASN B 68 8.15 8.60 -32.00
N MET B 69 7.05 8.59 -32.76
CA MET B 69 5.75 8.48 -32.08
C MET B 69 5.55 7.08 -31.49
N SER B 70 5.89 6.05 -32.26
CA SER B 70 5.78 4.65 -31.82
CA SER B 70 5.76 4.66 -31.81
C SER B 70 6.44 4.47 -30.46
N MET B 71 7.73 4.82 -30.42
CA MET B 71 8.52 4.78 -29.21
C MET B 71 7.86 5.52 -28.06
N GLU B 72 7.50 6.79 -28.30
CA GLU B 72 6.76 7.60 -27.35
C GLU B 72 5.58 6.82 -26.79
N SER B 73 4.68 6.44 -27.69
CA SER B 73 3.51 5.66 -27.34
C SER B 73 3.86 4.51 -26.37
N LEU B 74 4.89 3.73 -26.70
CA LEU B 74 5.40 2.64 -25.85
C LEU B 74 5.85 3.16 -24.48
N TYR B 75 6.51 4.31 -24.42
CA TYR B 75 6.82 4.85 -23.09
C TYR B 75 5.58 5.33 -22.34
N GLU B 76 4.61 5.85 -23.07
CA GLU B 76 3.36 6.27 -22.44
C GLU B 76 2.57 5.08 -21.92
N TYR B 77 2.82 3.89 -22.46
CA TYR B 77 2.07 2.77 -21.89
C TYR B 77 2.36 2.61 -20.39
N GLY B 78 3.58 2.91 -20.00
CA GLY B 78 3.99 2.68 -18.65
C GLY B 78 3.53 3.64 -17.60
N SER B 79 3.33 4.91 -17.98
CA SER B 79 2.82 5.94 -17.09
C SER B 79 1.29 6.00 -17.12
N ARG B 80 0.73 5.37 -18.15
CA ARG B 80 -0.68 5.29 -18.42
C ARG B 80 -1.35 4.08 -17.81
N ALA B 81 -0.74 2.88 -18.00
CA ALA B 81 -1.38 1.63 -17.56
C ALA B 81 -0.52 0.74 -16.68
N GLY B 82 0.72 0.46 -17.09
CA GLY B 82 1.60 -0.44 -16.37
C GLY B 82 1.92 -0.08 -14.95
N VAL B 83 2.34 1.16 -14.71
CA VAL B 83 2.72 1.64 -13.36
C VAL B 83 1.67 1.26 -12.32
N TRP B 84 0.40 1.39 -12.65
CA TRP B 84 -0.66 1.13 -11.69
C TRP B 84 -0.87 -0.36 -11.45
N ARG B 85 -0.59 -1.16 -12.47
CA ARG B 85 -0.87 -2.58 -12.33
C ARG B 85 0.21 -3.25 -11.49
N ILE B 86 1.40 -2.68 -11.60
CA ILE B 86 2.58 -3.08 -10.86
C ILE B 86 2.44 -2.79 -9.39
N LEU B 87 1.92 -1.60 -9.12
CA LEU B 87 1.70 -1.11 -7.77
C LEU B 87 0.66 -1.93 -7.01
N LYS B 88 -0.49 -2.22 -7.64
CA LYS B 88 -1.49 -3.09 -7.03
C LYS B 88 -0.92 -4.45 -6.66
N LEU B 89 0.00 -4.92 -7.48
CA LEU B 89 0.55 -6.24 -7.37
C LEU B 89 1.37 -6.31 -6.09
N PHE B 90 2.30 -5.36 -5.95
CA PHE B 90 3.09 -5.30 -4.72
C PHE B 90 2.24 -5.05 -3.50
N LYS B 91 1.35 -4.07 -3.61
CA LYS B 91 0.44 -3.72 -2.55
C LYS B 91 -0.34 -4.93 -2.07
N ALA B 92 -0.86 -5.73 -3.00
CA ALA B 92 -1.58 -6.96 -2.66
C ALA B 92 -0.70 -7.99 -2.00
N PHE B 93 0.63 -7.86 -2.12
CA PHE B 93 1.54 -8.87 -1.51
C PHE B 93 2.24 -8.27 -0.32
N ASP B 94 1.75 -7.13 0.11
CA ASP B 94 2.22 -6.47 1.33
C ASP B 94 3.71 -6.17 1.27
N ILE B 95 4.29 -6.05 0.09
CA ILE B 95 5.73 -5.79 0.10
C ILE B 95 6.02 -4.37 -0.35
N PRO B 96 7.09 -3.77 0.19
CA PRO B 96 7.46 -2.37 -0.03
C PRO B 96 8.36 -2.19 -1.26
N LEU B 97 8.64 -0.95 -1.65
CA LEU B 97 9.38 -0.73 -2.88
C LEU B 97 10.33 0.45 -2.78
N THR B 98 11.48 0.35 -3.42
CA THR B 98 12.30 1.57 -3.63
C THR B 98 12.03 1.99 -5.06
N ILE B 99 11.64 3.23 -5.22
CA ILE B 99 11.31 3.77 -6.54
C ILE B 99 12.40 4.72 -7.03
N PHE B 100 13.15 4.30 -8.02
CA PHE B 100 14.11 5.18 -8.67
C PHE B 100 13.26 6.16 -9.47
N ALA B 101 13.31 7.45 -9.18
CA ALA B 101 12.41 8.33 -9.94
C ALA B 101 13.13 9.52 -10.50
N VAL B 102 13.10 9.60 -11.82
CA VAL B 102 13.67 10.67 -12.65
C VAL B 102 12.80 11.89 -12.39
N ALA B 103 13.42 13.01 -12.09
CA ALA B 103 12.72 14.22 -11.70
C ALA B 103 11.60 14.62 -12.66
N MET B 104 11.90 14.68 -13.95
CA MET B 104 10.90 14.98 -14.97
C MET B 104 9.71 14.03 -14.93
N ALA B 105 10.00 12.75 -15.04
CA ALA B 105 9.01 11.70 -15.02
C ALA B 105 7.97 11.93 -13.94
N ALA B 106 8.42 12.03 -12.69
CA ALA B 106 7.57 12.19 -11.52
C ALA B 106 6.74 13.48 -11.60
N GLN B 107 7.49 14.56 -11.83
CA GLN B 107 6.99 15.89 -12.14
C GLN B 107 5.67 15.82 -12.90
N ARG B 108 5.81 15.34 -14.13
CA ARG B 108 4.70 15.28 -15.10
C ARG B 108 3.59 14.31 -14.67
N HIS B 109 3.77 13.61 -13.54
CA HIS B 109 2.74 12.72 -13.08
C HIS B 109 2.81 12.61 -11.57
N PRO B 110 2.43 13.69 -10.89
CA PRO B 110 2.58 13.76 -9.45
C PRO B 110 1.55 12.90 -8.73
N ASP B 111 0.38 12.75 -9.33
CA ASP B 111 -0.66 11.89 -8.81
C ASP B 111 -0.09 10.54 -8.45
N VAL B 112 0.85 10.07 -9.27
CA VAL B 112 1.41 8.74 -9.10
C VAL B 112 2.58 8.75 -8.11
N ILE B 113 3.29 9.87 -7.96
CA ILE B 113 4.40 9.91 -6.99
C ILE B 113 3.81 9.80 -5.58
N ARG B 114 2.61 10.38 -5.47
CA ARG B 114 1.74 10.43 -4.34
C ARG B 114 1.16 9.08 -3.97
N ALA B 115 0.62 8.40 -4.99
CA ALA B 115 0.06 7.08 -4.77
C ALA B 115 1.11 6.19 -4.17
N MET B 116 2.34 6.38 -4.67
CA MET B 116 3.50 5.62 -4.21
C MET B 116 3.84 5.96 -2.76
N VAL B 117 3.92 7.26 -2.45
CA VAL B 117 4.29 7.64 -1.08
C VAL B 117 3.28 7.05 -0.09
N ALA B 118 2.00 7.13 -0.42
CA ALA B 118 0.98 6.60 0.50
C ALA B 118 1.12 5.10 0.72
N ALA B 119 1.67 4.42 -0.30
CA ALA B 119 1.98 3.02 -0.21
C ALA B 119 3.16 2.73 0.73
N GLY B 120 3.96 3.76 0.99
CA GLY B 120 5.05 3.69 1.97
C GLY B 120 6.35 3.36 1.24
N HIS B 121 6.29 3.40 -0.09
CA HIS B 121 7.45 3.04 -0.89
C HIS B 121 8.52 4.10 -0.77
N GLU B 122 9.76 3.69 -1.01
CA GLU B 122 10.82 4.67 -0.97
C GLU B 122 10.89 5.42 -2.29
N ILE B 123 10.75 6.75 -2.26
CA ILE B 123 11.13 7.54 -3.44
C ILE B 123 12.65 7.75 -3.41
N CYS B 124 13.33 7.13 -4.35
CA CYS B 124 14.77 7.24 -4.46
C CYS B 124 15.12 8.01 -5.73
N SER B 125 16.20 8.78 -5.68
CA SER B 125 16.53 9.60 -6.84
C SER B 125 17.09 8.79 -7.99
N HIS B 126 16.59 9.06 -9.20
CA HIS B 126 17.07 8.40 -10.39
C HIS B 126 17.51 9.42 -11.41
N GLY B 127 17.71 10.66 -10.96
CA GLY B 127 18.15 11.70 -11.88
C GLY B 127 17.06 12.64 -12.33
N TYR B 128 17.47 13.79 -12.87
CA TYR B 128 16.52 14.78 -13.36
C TYR B 128 15.96 14.28 -14.71
N ARG B 129 16.86 13.75 -15.52
CA ARG B 129 16.52 13.27 -16.86
C ARG B 129 17.00 11.85 -17.05
N TRP B 130 16.20 11.05 -17.72
CA TRP B 130 16.68 9.69 -18.02
C TRP B 130 17.45 9.64 -19.33
N ILE B 131 18.68 10.16 -19.29
CA ILE B 131 19.61 10.19 -20.42
C ILE B 131 20.98 9.71 -19.91
N ASP B 132 21.96 9.59 -20.81
CA ASP B 132 23.28 9.13 -20.41
C ASP B 132 24.17 10.34 -20.06
N TYR B 133 24.64 10.36 -18.82
CA TYR B 133 25.50 11.39 -18.27
C TYR B 133 27.00 11.14 -18.43
N GLN B 134 27.39 10.42 -19.48
CA GLN B 134 28.81 10.06 -19.62
C GLN B 134 29.68 11.19 -20.15
N TYR B 135 29.06 12.19 -20.79
CA TYR B 135 29.85 13.25 -21.42
C TYR B 135 29.43 14.65 -20.96
N MET B 136 28.27 14.77 -20.34
CA MET B 136 27.71 16.05 -19.88
C MET B 136 28.76 16.93 -19.19
N ASP B 137 28.63 18.25 -19.26
CA ASP B 137 29.52 19.05 -18.42
C ASP B 137 29.28 18.72 -16.93
N GLU B 138 30.31 18.95 -16.12
CA GLU B 138 30.24 18.65 -14.69
C GLU B 138 29.31 19.59 -13.95
N ALA B 139 29.13 20.80 -14.47
CA ALA B 139 28.16 21.71 -13.87
C ALA B 139 26.73 21.25 -14.18
N GLN B 140 26.46 20.97 -15.46
CA GLN B 140 25.11 20.56 -15.90
C GLN B 140 24.62 19.43 -15.03
N GLU B 141 25.52 18.47 -14.79
CA GLU B 141 25.26 17.31 -13.92
C GLU B 141 24.87 17.80 -12.54
N ARG B 142 25.73 18.62 -11.93
CA ARG B 142 25.45 19.23 -10.62
C ARG B 142 24.10 19.94 -10.62
N GLU B 143 23.90 20.84 -11.58
CA GLU B 143 22.65 21.54 -11.66
C GLU B 143 21.51 20.55 -11.87
N HIS B 144 21.71 19.60 -12.76
CA HIS B 144 20.72 18.53 -12.93
C HIS B 144 20.35 17.92 -11.58
N MET B 145 21.32 17.25 -10.97
CA MET B 145 21.21 16.65 -9.63
C MET B 145 20.58 17.65 -8.66
N LEU B 146 21.02 18.90 -8.77
CA LEU B 146 20.46 19.94 -7.93
C LEU B 146 18.98 20.02 -8.25
N GLU B 147 18.67 20.33 -9.51
CA GLU B 147 17.27 20.37 -9.97
C GLU B 147 16.45 19.15 -9.54
N ALA B 148 16.99 17.97 -9.86
CA ALA B 148 16.40 16.69 -9.47
C ALA B 148 16.02 16.61 -7.99
N ILE B 149 16.96 16.93 -7.12
CA ILE B 149 16.67 16.90 -5.67
C ILE B 149 15.46 17.74 -5.33
N ARG B 150 15.48 19.02 -5.67
CA ARG B 150 14.34 19.93 -5.47
C ARG B 150 13.00 19.37 -5.87
N ILE B 151 12.92 18.82 -7.08
CA ILE B 151 11.67 18.30 -7.60
C ILE B 151 11.08 17.28 -6.67
N LEU B 152 11.89 16.25 -6.39
CA LEU B 152 11.46 15.10 -5.61
C LEU B 152 11.03 15.56 -4.24
N THR B 153 11.91 16.29 -3.57
CA THR B 153 11.66 16.86 -2.25
C THR B 153 10.30 17.54 -2.27
N GLU B 154 10.22 18.57 -3.08
CA GLU B 154 8.99 19.32 -3.28
C GLU B 154 7.75 18.43 -3.47
N LEU B 155 7.93 17.31 -4.17
CA LEU B 155 6.84 16.39 -4.45
C LEU B 155 6.62 15.33 -3.36
N THR B 156 7.55 15.18 -2.44
CA THR B 156 7.37 14.10 -1.48
C THR B 156 7.48 14.62 -0.05
N GLY B 157 7.97 15.84 0.14
CA GLY B 157 8.16 16.30 1.51
C GLY B 157 9.53 15.95 2.06
N GLU B 158 9.93 14.68 2.00
CA GLU B 158 11.27 14.27 2.39
C GLU B 158 12.24 14.38 1.22
N ARG B 159 13.48 14.83 1.44
CA ARG B 159 14.49 14.85 0.39
C ARG B 159 14.96 13.42 0.14
N PRO B 160 15.27 13.06 -1.11
CA PRO B 160 15.80 11.71 -1.32
C PRO B 160 17.24 11.62 -0.77
N LEU B 161 17.56 10.50 -0.14
CA LEU B 161 18.92 10.26 0.29
C LEU B 161 19.69 9.34 -0.69
N GLY B 162 18.93 8.49 -1.40
CA GLY B 162 19.49 7.58 -2.38
C GLY B 162 19.51 8.18 -3.75
N TRP B 163 20.49 7.74 -4.52
CA TRP B 163 20.66 8.12 -5.92
C TRP B 163 21.11 6.96 -6.82
N TYR B 164 20.48 6.84 -7.98
CA TYR B 164 20.95 5.90 -8.99
C TYR B 164 20.82 6.59 -10.34
N THR B 165 21.94 6.90 -10.99
CA THR B 165 21.89 7.54 -12.33
C THR B 165 21.63 6.51 -13.43
N GLY B 166 22.37 5.40 -13.37
CA GLY B 166 22.37 4.44 -14.44
C GLY B 166 23.57 4.64 -15.33
N ARG B 167 23.35 5.30 -16.47
CA ARG B 167 24.41 5.56 -17.43
C ARG B 167 25.22 6.75 -16.93
N THR B 168 26.18 6.47 -16.05
CA THR B 168 26.99 7.49 -15.35
C THR B 168 28.07 8.12 -16.24
N GLY B 169 28.70 9.18 -15.71
CA GLY B 169 29.78 9.83 -16.41
C GLY B 169 31.06 9.77 -15.59
N PRO B 170 32.15 10.35 -16.13
CA PRO B 170 33.41 10.43 -15.38
C PRO B 170 33.22 11.01 -13.98
N ASN B 171 32.27 11.91 -13.75
CA ASN B 171 32.17 12.42 -12.38
C ASN B 171 30.79 12.44 -11.77
N THR B 172 30.02 11.36 -11.92
CA THR B 172 28.67 11.34 -11.36
C THR B 172 28.68 11.07 -9.86
N ARG B 173 29.09 9.86 -9.49
CA ARG B 173 29.01 9.39 -8.12
C ARG B 173 29.70 10.31 -7.13
N ARG B 174 30.86 10.86 -7.49
CA ARG B 174 31.57 11.86 -6.67
C ARG B 174 30.63 13.00 -6.28
N LEU B 175 30.11 13.66 -7.30
CA LEU B 175 29.11 14.70 -7.19
C LEU B 175 28.02 14.31 -6.20
N VAL B 176 27.56 13.06 -6.28
CA VAL B 176 26.61 12.57 -5.29
C VAL B 176 27.24 12.74 -3.89
N MET B 177 28.42 12.14 -3.73
CA MET B 177 29.21 12.19 -2.51
C MET B 177 29.44 13.62 -2.06
N GLU B 178 29.55 14.47 -3.06
CA GLU B 178 29.86 15.88 -2.87
C GLU B 178 28.67 16.69 -2.46
N GLU B 179 27.48 16.27 -2.89
CA GLU B 179 26.27 16.98 -2.48
C GLU B 179 26.12 16.88 -0.96
N GLY B 180 26.29 15.69 -0.40
CA GLY B 180 26.37 15.49 1.02
C GLY B 180 25.13 14.96 1.70
N GLY B 181 23.94 15.24 1.14
CA GLY B 181 22.73 14.76 1.81
C GLY B 181 22.36 13.37 1.38
N PHE B 182 23.31 12.67 0.75
CA PHE B 182 23.02 11.36 0.20
C PHE B 182 23.52 10.25 1.09
N LEU B 183 22.62 9.60 1.80
CA LEU B 183 22.95 8.44 2.63
C LEU B 183 23.68 7.33 1.85
N TYR B 184 23.31 7.18 0.57
CA TYR B 184 23.80 6.13 -0.30
C TYR B 184 23.48 6.37 -1.78
N ASP B 185 24.09 5.55 -2.62
CA ASP B 185 23.83 5.56 -4.05
C ASP B 185 24.00 4.14 -4.59
N CYS B 186 23.59 3.91 -5.85
CA CYS B 186 23.50 2.53 -6.35
C CYS B 186 24.17 2.37 -7.68
N ASP B 187 25.05 3.29 -8.02
CA ASP B 187 25.66 3.29 -9.35
C ASP B 187 26.86 2.34 -9.49
N THR B 188 26.74 1.16 -8.88
CA THR B 188 27.74 0.12 -9.08
C THR B 188 26.95 -1.18 -9.35
N TYR B 189 27.64 -2.14 -9.95
CA TYR B 189 27.12 -3.48 -10.11
C TYR B 189 28.20 -4.46 -9.68
N ASP B 190 28.78 -4.26 -8.49
CA ASP B 190 29.98 -4.99 -8.11
C ASP B 190 29.83 -5.87 -6.89
N ASP B 191 28.60 -6.09 -6.40
CA ASP B 191 28.50 -6.98 -5.23
C ASP B 191 27.09 -7.47 -4.95
N ASP B 192 26.99 -8.27 -3.90
CA ASP B 192 25.86 -9.00 -3.35
C ASP B 192 25.48 -8.44 -1.97
N LEU B 193 26.28 -7.48 -1.53
CA LEU B 193 26.18 -6.80 -0.24
C LEU B 193 26.60 -5.36 -0.41
N PRO B 194 26.12 -4.49 0.51
CA PRO B 194 26.50 -3.08 0.59
C PRO B 194 27.91 -2.87 1.12
N TYR B 195 28.58 -1.84 0.60
CA TYR B 195 29.92 -1.47 1.05
C TYR B 195 30.08 0.05 1.11
N TRP B 196 31.06 0.55 1.88
CA TRP B 196 31.32 1.99 2.04
C TRP B 196 32.21 2.51 0.90
N GLU B 197 31.82 3.65 0.34
CA GLU B 197 32.58 4.31 -0.71
C GLU B 197 34.03 4.53 -0.25
N PRO B 198 34.95 3.66 -0.73
CA PRO B 198 36.37 3.74 -0.34
C PRO B 198 36.98 5.11 -0.66
N ASN B 199 36.85 5.57 -1.90
CA ASN B 199 37.41 6.85 -2.30
C ASN B 199 36.39 7.98 -2.27
N ASN B 200 35.95 8.37 -1.08
CA ASN B 200 35.04 9.51 -0.87
C ASN B 200 35.81 10.82 -0.87
N PRO B 201 35.52 11.67 -1.87
CA PRO B 201 36.16 12.98 -2.07
C PRO B 201 35.97 13.89 -0.86
N THR B 202 34.98 13.56 -0.04
CA THR B 202 34.77 14.16 1.26
C THR B 202 35.21 13.14 2.32
N GLY B 203 34.70 13.27 3.53
CA GLY B 203 35.12 12.36 4.57
C GLY B 203 34.03 11.36 4.86
N LYS B 204 32.85 11.90 5.18
CA LYS B 204 31.66 11.20 5.66
C LYS B 204 31.51 9.81 5.06
N PRO B 205 31.03 8.88 5.88
CA PRO B 205 30.58 7.58 5.38
C PRO B 205 29.55 7.72 4.28
N HIS B 206 29.89 7.29 3.07
CA HIS B 206 28.91 7.18 2.00
C HIS B 206 28.72 5.73 1.58
N LEU B 207 27.51 5.21 1.70
CA LEU B 207 27.29 3.79 1.40
C LEU B 207 27.05 3.59 -0.09
N VAL B 208 27.56 2.47 -0.60
CA VAL B 208 27.32 2.01 -1.95
C VAL B 208 26.37 0.82 -1.88
N ILE B 209 25.23 0.89 -2.56
CA ILE B 209 24.31 -0.25 -2.59
C ILE B 209 24.14 -0.75 -4.02
N PRO B 210 24.95 -1.73 -4.43
CA PRO B 210 24.94 -2.26 -5.81
C PRO B 210 23.56 -2.77 -6.26
N TYR B 211 23.25 -2.36 -7.49
CA TYR B 211 22.00 -2.62 -8.19
C TYR B 211 22.35 -3.73 -9.17
N THR B 212 21.67 -3.84 -10.31
CA THR B 212 21.77 -5.01 -11.23
C THR B 212 21.23 -4.69 -12.63
N LEU B 213 21.94 -5.22 -13.63
CA LEU B 213 21.64 -5.26 -15.02
C LEU B 213 21.30 -6.68 -15.54
N ASP B 214 21.22 -7.66 -14.63
CA ASP B 214 20.94 -9.03 -15.06
C ASP B 214 19.57 -9.48 -14.54
N THR B 215 19.35 -9.35 -13.24
CA THR B 215 18.06 -9.63 -12.63
C THR B 215 17.17 -8.39 -12.70
N ASN B 216 16.94 -7.97 -13.94
CA ASN B 216 16.34 -6.71 -14.34
C ASN B 216 15.45 -6.90 -15.53
N ASP B 217 14.28 -6.26 -15.56
CA ASP B 217 13.36 -6.54 -16.67
C ASP B 217 13.71 -5.82 -17.98
N MET B 218 14.72 -4.96 -17.93
CA MET B 218 15.25 -4.31 -19.13
C MET B 218 15.70 -5.33 -20.16
N ARG B 219 16.09 -6.49 -19.68
CA ARG B 219 16.56 -7.57 -20.53
CA ARG B 219 16.55 -7.61 -20.49
C ARG B 219 15.48 -8.10 -21.47
N PHE B 220 14.21 -7.90 -21.12
CA PHE B 220 13.10 -8.34 -21.95
C PHE B 220 13.08 -7.62 -23.31
N THR B 221 13.77 -6.49 -23.37
CA THR B 221 13.78 -5.65 -24.59
C THR B 221 15.18 -5.59 -25.19
N GLN B 222 16.11 -6.22 -24.48
CA GLN B 222 17.52 -6.16 -24.91
C GLN B 222 17.78 -7.26 -25.94
N VAL B 223 18.90 -7.15 -26.64
CA VAL B 223 19.25 -8.08 -27.72
C VAL B 223 19.18 -9.54 -27.29
N GLN B 224 19.93 -9.90 -26.25
CA GLN B 224 19.70 -11.23 -25.72
C GLN B 224 18.94 -11.06 -24.39
N GLY B 225 17.64 -11.35 -24.46
CA GLY B 225 16.81 -11.22 -23.29
C GLY B 225 15.70 -12.27 -23.34
N PHE B 226 15.09 -12.49 -22.18
CA PHE B 226 13.95 -13.35 -21.97
C PHE B 226 12.93 -13.23 -23.10
N ASN B 227 12.64 -14.32 -23.80
CA ASN B 227 11.62 -14.32 -24.85
C ASN B 227 10.22 -14.35 -24.20
N LYS B 228 10.15 -15.04 -23.06
CA LYS B 228 8.96 -15.18 -22.25
C LYS B 228 9.23 -14.92 -20.77
N GLY B 229 8.13 -14.74 -20.04
CA GLY B 229 8.06 -14.48 -18.63
C GLY B 229 8.77 -15.49 -17.76
N ASP B 230 8.44 -16.77 -17.91
CA ASP B 230 9.03 -17.83 -17.13
C ASP B 230 10.56 -17.79 -17.18
N ASP B 231 11.13 -17.29 -18.27
CA ASP B 231 12.56 -17.14 -18.33
C ASP B 231 13.05 -16.24 -17.19
N PHE B 232 12.29 -15.18 -16.95
CA PHE B 232 12.54 -14.19 -15.93
C PHE B 232 12.25 -14.78 -14.58
N PHE B 233 11.10 -15.43 -14.46
CA PHE B 233 10.82 -16.16 -13.23
C PHE B 233 11.97 -17.09 -12.79
N GLU B 234 12.37 -17.93 -13.73
CA GLU B 234 13.35 -19.01 -13.53
C GLU B 234 14.72 -18.43 -13.21
N TYR B 235 15.03 -17.34 -13.88
CA TYR B 235 16.28 -16.62 -13.62
C TYR B 235 16.28 -16.07 -12.20
N LEU B 236 15.19 -15.40 -11.81
CA LEU B 236 15.06 -14.86 -10.47
C LEU B 236 15.03 -15.96 -9.44
N LYS B 237 14.29 -17.02 -9.74
CA LYS B 237 14.29 -18.17 -8.84
C LYS B 237 15.71 -18.66 -8.55
N ASP B 238 16.52 -18.77 -9.61
CA ASP B 238 17.90 -19.22 -9.56
C ASP B 238 18.75 -18.31 -8.70
N ALA B 239 18.46 -17.02 -8.80
CA ALA B 239 19.09 -15.99 -7.98
C ALA B 239 18.74 -16.18 -6.52
N PHE B 240 17.46 -16.27 -6.22
CA PHE B 240 17.03 -16.43 -4.85
C PHE B 240 17.64 -17.66 -4.21
N ASP B 241 17.45 -18.80 -4.87
CA ASP B 241 17.95 -20.14 -4.46
C ASP B 241 19.41 -20.10 -4.04
N VAL B 242 20.29 -19.67 -4.95
CA VAL B 242 21.73 -19.70 -4.68
C VAL B 242 22.05 -18.93 -3.40
N LEU B 243 21.76 -17.64 -3.43
CA LEU B 243 21.87 -16.76 -2.26
C LEU B 243 21.14 -17.31 -1.03
N TYR B 244 19.87 -17.64 -1.16
CA TYR B 244 19.14 -18.23 -0.03
C TYR B 244 19.84 -19.42 0.57
N ALA B 245 20.56 -20.21 -0.23
CA ALA B 245 21.33 -21.33 0.32
C ALA B 245 22.61 -20.84 1.00
N GLU B 246 23.23 -19.86 0.38
CA GLU B 246 24.43 -19.19 0.84
C GLU B 246 24.17 -18.43 2.12
N GLY B 247 22.89 -18.14 2.37
CA GLY B 247 22.48 -17.39 3.56
C GLY B 247 22.57 -18.23 4.82
N ALA B 248 22.81 -19.53 4.62
CA ALA B 248 23.13 -20.51 5.69
C ALA B 248 24.20 -20.01 6.65
N GLU B 249 25.18 -19.28 6.12
CA GLU B 249 26.29 -18.73 6.89
C GLU B 249 26.66 -17.34 6.39
N ALA B 250 26.39 -17.10 5.11
CA ALA B 250 26.72 -15.80 4.49
C ALA B 250 25.53 -15.21 3.73
N PRO B 251 24.66 -14.48 4.44
CA PRO B 251 23.50 -13.82 3.81
C PRO B 251 23.95 -12.60 3.01
N LYS B 252 23.30 -12.38 1.88
CA LYS B 252 23.60 -11.27 0.99
C LYS B 252 22.27 -10.66 0.55
N MET B 253 22.30 -9.73 -0.40
CA MET B 253 21.01 -9.20 -0.84
C MET B 253 20.83 -9.45 -2.33
N LEU B 254 19.63 -9.21 -2.85
CA LEU B 254 19.41 -9.41 -4.27
C LEU B 254 18.40 -8.40 -4.75
N SER B 255 18.78 -7.59 -5.73
CA SER B 255 17.89 -6.63 -6.32
C SER B 255 17.09 -7.22 -7.47
N ILE B 256 15.87 -6.75 -7.63
CA ILE B 256 14.99 -7.04 -8.76
C ILE B 256 14.64 -5.70 -9.41
N GLY B 257 15.20 -5.44 -10.58
CA GLY B 257 15.01 -4.15 -11.28
C GLY B 257 13.80 -4.27 -12.20
N LEU B 258 12.97 -3.24 -12.18
CA LEU B 258 11.68 -3.24 -12.88
C LEU B 258 11.35 -1.93 -13.61
N HIS B 259 10.72 -2.06 -14.79
CA HIS B 259 10.32 -0.87 -15.57
C HIS B 259 8.82 -0.86 -15.88
N CYS B 260 8.18 0.27 -15.58
CA CYS B 260 6.75 0.42 -15.75
C CYS B 260 6.27 0.04 -17.13
N ARG B 261 6.96 0.55 -18.14
CA ARG B 261 6.66 0.21 -19.53
C ARG B 261 7.05 -1.24 -19.89
N LEU B 262 7.58 -2.03 -18.94
CA LEU B 262 8.02 -3.35 -19.35
C LEU B 262 7.29 -4.43 -18.56
N ILE B 263 7.62 -4.61 -17.29
CA ILE B 263 6.95 -5.65 -16.49
C ILE B 263 5.44 -5.36 -16.36
N GLY B 264 5.08 -4.10 -16.60
CA GLY B 264 3.75 -3.58 -16.53
C GLY B 264 2.87 -4.18 -17.60
N ARG B 265 3.51 -4.82 -18.57
CA ARG B 265 2.72 -5.53 -19.57
C ARG B 265 2.18 -6.79 -18.93
N PRO B 266 0.88 -7.03 -19.03
CA PRO B 266 0.33 -8.23 -18.37
C PRO B 266 0.99 -9.55 -18.85
N ALA B 267 1.58 -9.56 -20.05
CA ALA B 267 2.38 -10.70 -20.51
C ALA B 267 3.63 -10.92 -19.64
N ARG B 268 4.14 -9.82 -19.06
CA ARG B 268 5.35 -9.88 -18.27
C ARG B 268 5.05 -9.80 -16.79
N LEU B 269 3.89 -9.26 -16.42
CA LEU B 269 3.63 -9.16 -15.00
C LEU B 269 3.48 -10.51 -14.31
N ALA B 270 2.74 -11.42 -14.92
CA ALA B 270 2.44 -12.76 -14.41
C ALA B 270 3.59 -13.48 -13.74
N ALA B 271 4.80 -13.29 -14.30
CA ALA B 271 6.02 -13.93 -13.86
C ALA B 271 6.64 -13.23 -12.67
N LEU B 272 6.49 -11.89 -12.63
CA LEU B 272 6.87 -11.08 -11.47
C LEU B 272 6.14 -11.57 -10.22
N GLN B 273 4.90 -11.96 -10.46
CA GLN B 273 4.00 -12.44 -9.43
C GLN B 273 4.43 -13.78 -8.93
N ARG B 274 4.58 -14.70 -9.89
CA ARG B 274 5.09 -16.06 -9.60
C ARG B 274 6.35 -15.96 -8.75
N PHE B 275 7.22 -15.01 -9.09
CA PHE B 275 8.43 -14.80 -8.33
C PHE B 275 8.14 -14.33 -6.92
N ILE B 276 7.19 -13.42 -6.76
CA ILE B 276 6.81 -12.95 -5.41
C ILE B 276 6.16 -14.05 -4.59
N GLU B 277 5.26 -14.82 -5.20
CA GLU B 277 4.64 -15.93 -4.45
C GLU B 277 5.70 -16.85 -3.84
N TYR B 278 6.65 -17.20 -4.69
CA TYR B 278 7.79 -18.06 -4.41
C TYR B 278 8.64 -17.53 -3.27
N ALA B 279 9.15 -16.32 -3.43
CA ALA B 279 9.92 -15.65 -2.40
C ALA B 279 9.11 -15.64 -1.09
N LYS B 280 7.90 -15.09 -1.19
CA LYS B 280 6.96 -14.98 -0.06
C LYS B 280 6.62 -16.30 0.60
N SER B 281 7.00 -17.41 -0.01
CA SER B 281 6.73 -18.71 0.54
C SER B 281 7.89 -19.30 1.34
N HIS B 282 9.06 -18.67 1.27
CA HIS B 282 10.19 -19.07 2.12
C HIS B 282 10.07 -18.32 3.47
N GLU B 283 10.89 -18.70 4.43
CA GLU B 283 10.99 -18.08 5.75
C GLU B 283 12.33 -17.39 5.93
N GLN B 284 12.34 -16.34 6.70
CA GLN B 284 13.56 -15.58 6.85
C GLN B 284 13.98 -14.95 5.49
N VAL B 285 13.09 -14.13 4.94
CA VAL B 285 13.28 -13.34 3.74
C VAL B 285 12.95 -11.89 4.06
N TRP B 286 13.87 -10.99 3.76
CA TRP B 286 13.69 -9.58 4.09
C TRP B 286 13.38 -8.73 2.84
N PHE B 287 12.09 -8.58 2.58
CA PHE B 287 11.55 -7.65 1.62
C PHE B 287 11.72 -6.23 2.12
N THR B 288 12.62 -5.45 1.52
CA THR B 288 12.93 -4.16 2.08
C THR B 288 13.16 -3.07 1.06
N ARG B 289 13.44 -1.89 1.61
CA ARG B 289 13.73 -0.70 0.80
C ARG B 289 15.19 -0.36 0.92
N ARG B 290 15.72 0.25 -0.12
CA ARG B 290 17.17 0.51 -0.13
C ARG B 290 17.57 1.46 1.02
N VAL B 291 16.70 2.39 1.39
CA VAL B 291 16.99 3.25 2.53
C VAL B 291 17.02 2.47 3.85
N ASP B 292 16.08 1.52 4.01
CA ASP B 292 16.07 0.64 5.17
C ASP B 292 17.37 -0.13 5.29
N ILE B 293 17.82 -0.63 4.14
CA ILE B 293 19.07 -1.37 4.10
C ILE B 293 20.20 -0.45 4.54
N ALA B 294 20.07 0.83 4.18
CA ALA B 294 21.17 1.80 4.40
C ALA B 294 21.28 2.17 5.87
N ARG B 295 20.16 2.51 6.50
CA ARG B 295 20.23 2.72 7.94
C ARG B 295 20.77 1.49 8.63
N HIS B 296 20.25 0.32 8.24
CA HIS B 296 20.64 -0.96 8.88
C HIS B 296 22.16 -1.13 8.91
N TRP B 297 22.79 -0.83 7.80
CA TRP B 297 24.23 -0.86 7.66
C TRP B 297 24.90 0.13 8.61
N HIS B 298 24.45 1.38 8.61
CA HIS B 298 25.02 2.39 9.52
C HIS B 298 24.96 1.89 10.96
N ALA B 299 24.01 1.00 11.23
CA ALA B 299 23.78 0.43 12.54
C ALA B 299 24.51 -0.88 12.79
N THR B 300 24.68 -1.72 11.77
CA THR B 300 25.27 -3.04 11.98
C THR B 300 26.75 -3.07 11.63
N HIS B 301 27.10 -2.30 10.59
CA HIS B 301 28.46 -2.24 10.07
C HIS B 301 28.91 -0.80 9.84
N PRO B 302 28.97 -0.03 10.94
CA PRO B 302 29.32 1.39 10.91
C PRO B 302 30.64 1.62 10.24
N TYR B 303 30.75 2.75 9.54
CA TYR B 303 31.98 3.19 8.88
C TYR B 303 33.13 3.30 9.90
N THR B 304 34.18 2.52 9.64
CA THR B 304 35.33 2.45 10.54
C THR B 304 36.61 2.83 9.80
NAA 5AC C . -22.13 -1.32 10.89
CAG 5AC C . -23.22 -1.88 10.87
OAC 5AC C . -24.06 -1.70 9.88
CAI 5AC C . -23.70 -2.82 11.93
CAH 5AC C . -24.63 -2.52 12.89
NAB 5AC C . -25.22 -1.33 13.06
NAF 5AC C . -24.83 -3.59 13.68
CAD 5AC C . -24.04 -4.56 13.19
NAE 5AC C . -23.35 -4.09 12.14
NAA 5AC D . 18.28 1.23 -15.11
CAG 5AC D . 17.96 2.02 -15.99
OAC 5AC D . 16.79 1.93 -16.62
CAI 5AC D . 18.86 3.12 -16.41
CAH 5AC D . 19.66 3.11 -17.53
NAB 5AC D . 19.74 2.11 -18.42
NAF 5AC D . 20.33 4.27 -17.63
CAD 5AC D . 19.96 5.00 -16.56
NAE 5AC D . 19.07 4.31 -15.82
#